data_6Y0W
#
_entry.id   6Y0W
#
_cell.length_a   68.999
_cell.length_b   68.999
_cell.length_c   271.453
_cell.angle_alpha   90.000
_cell.angle_beta   90.000
_cell.angle_gamma   120.000
#
_symmetry.space_group_name_H-M   'P 61 2 2'
#
loop_
_entity.id
_entity.type
_entity.pdbx_description
1 polymer 'Fucose-binding lectin'
2 polymer cFucRH46D
3 non-polymer 'CALCIUM ION'
4 non-polymer '3,7-anhydro-2,8-dideoxy-L-glycero-D-gluco-octonic acid'
5 water water
#
loop_
_entity_poly.entity_id
_entity_poly.type
_entity_poly.pdbx_seq_one_letter_code
_entity_poly.pdbx_strand_id
1 'polypeptide(L)'
;MATQGVFTLPANTRFGVTAFANSSGTQTVNVLVNNETAATFSGQSTNNAVIGTQVLNSGSSGKVQVQVSVNGRPSDLVSA
QVILTNELNFALVGSEDGTDNDYNDAVVVINWPLG
;
A,B
2 'polypeptide(D)' (DLE)(DTY)(DLY)(DHI)(DPN)(DLE)(DLY)(DLE)(DPN)(DTR)(DLE)(DAL)(DLE)(NH2) C,D
#
loop_
_chem_comp.id
_chem_comp.type
_chem_comp.name
_chem_comp.formula
CA non-polymer 'CALCIUM ION' 'Ca 2'
NH2 non-polymer 'AMINO GROUP' 'H2 N'
ZDC D-saccharide '3,7-anhydro-2,8-dideoxy-L-glycero-D-gluco-octonic acid' 'C8 H14 O6'
#
# COMPACT_ATOMS: atom_id res chain seq x y z
N ALA A 2 11.08 8.66 19.04
CA ALA A 2 11.90 7.57 18.51
C ALA A 2 12.06 7.68 16.99
N THR A 3 13.09 6.99 16.47
CA THR A 3 13.31 6.98 15.04
C THR A 3 12.15 6.29 14.32
N GLN A 4 11.72 6.88 13.21
CA GLN A 4 10.63 6.37 12.40
C GLN A 4 11.09 6.30 10.95
N GLY A 5 10.53 5.35 10.21
CA GLY A 5 10.82 5.23 8.79
C GLY A 5 11.99 4.35 8.45
N VAL A 6 12.58 3.66 9.42
CA VAL A 6 13.71 2.76 9.21
C VAL A 6 13.26 1.33 9.48
N PHE A 7 13.59 0.42 8.56
CA PHE A 7 13.15 -0.97 8.63
C PHE A 7 14.32 -1.88 8.29
N THR A 8 14.49 -2.95 9.06
CA THR A 8 15.48 -3.96 8.74
C THR A 8 14.78 -5.09 8.00
N LEU A 9 15.05 -5.21 6.71
CA LEU A 9 14.51 -6.29 5.90
C LEU A 9 15.50 -7.44 5.89
N PRO A 10 15.05 -8.66 5.56
CA PRO A 10 16.01 -9.73 5.30
C PRO A 10 16.93 -9.36 4.14
N ALA A 11 18.19 -9.79 4.23
CA ALA A 11 19.19 -9.41 3.24
C ALA A 11 18.83 -9.88 1.84
N ASN A 12 19.19 -9.07 0.84
CA ASN A 12 19.12 -9.43 -0.57
C ASN A 12 17.74 -9.94 -0.99
N THR A 13 16.71 -9.20 -0.60
CA THR A 13 15.33 -9.56 -0.84
C THR A 13 14.66 -8.46 -1.66
N ARG A 14 13.99 -8.86 -2.74
CA ARG A 14 13.18 -7.92 -3.48
C ARG A 14 12.00 -7.45 -2.64
N PHE A 15 11.78 -6.14 -2.61
CA PHE A 15 10.60 -5.58 -1.95
C PHE A 15 9.99 -4.48 -2.82
N GLY A 16 8.70 -4.26 -2.62
CA GLY A 16 7.98 -3.19 -3.29
C GLY A 16 7.91 -1.97 -2.40
N VAL A 17 7.92 -0.80 -3.03
CA VAL A 17 7.68 0.46 -2.32
C VAL A 17 6.74 1.31 -3.16
N THR A 18 5.70 1.84 -2.53
CA THR A 18 4.66 2.61 -3.20
C THR A 18 4.31 3.81 -2.34
N ALA A 19 4.11 4.96 -2.98
CA ALA A 19 3.78 6.18 -2.25
C ALA A 19 2.49 6.78 -2.79
N PHE A 20 1.65 7.24 -1.86
CA PHE A 20 0.42 7.96 -2.14
C PHE A 20 0.52 9.38 -1.58
N ALA A 21 -0.22 10.31 -2.18
CA ALA A 21 -0.22 11.70 -1.76
C ALA A 21 -1.63 12.14 -1.37
N ASN A 22 -1.72 12.92 -0.29
CA ASN A 22 -2.98 13.48 0.15
C ASN A 22 -2.69 14.84 0.76
N SER A 23 -2.36 15.82 -0.09
CA SER A 23 -1.94 17.12 0.41
C SER A 23 -1.83 18.07 -0.77
N SER A 24 -2.10 19.36 -0.50
CA SER A 24 -1.92 20.36 -1.55
C SER A 24 -0.44 20.64 -1.81
N GLY A 25 0.45 20.23 -0.92
CA GLY A 25 1.87 20.40 -1.13
C GLY A 25 2.44 19.21 -1.89
N THR A 26 3.35 19.48 -2.82
CA THR A 26 3.98 18.43 -3.58
C THR A 26 4.92 17.62 -2.69
N GLN A 27 4.75 16.30 -2.67
CA GLN A 27 5.50 15.40 -1.82
C GLN A 27 6.70 14.80 -2.53
N THR A 28 7.83 14.72 -1.83
CA THR A 28 9.02 14.05 -2.34
C THR A 28 9.37 12.92 -1.38
N VAL A 29 9.31 11.69 -1.89
CA VAL A 29 9.60 10.51 -1.08
C VAL A 29 10.97 9.98 -1.50
N ASN A 30 11.89 9.91 -0.54
CA ASN A 30 13.23 9.38 -0.78
C ASN A 30 13.35 8.05 -0.07
N VAL A 31 13.72 7.01 -0.83
CA VAL A 31 13.89 5.66 -0.33
C VAL A 31 15.36 5.30 -0.37
N LEU A 32 15.94 5.03 0.79
CA LEU A 32 17.36 4.73 0.92
C LEU A 32 17.55 3.25 1.25
N VAL A 33 18.48 2.61 0.55
CA VAL A 33 18.89 1.25 0.84
C VAL A 33 20.38 1.27 1.17
N ASN A 34 20.73 0.81 2.36
CA ASN A 34 22.06 0.94 2.93
C ASN A 34 22.59 2.37 2.75
N ASN A 35 21.74 3.35 3.05
CA ASN A 35 22.06 4.77 3.16
C ASN A 35 22.38 5.43 1.82
N GLU A 36 22.16 4.74 0.70
CA GLU A 36 22.21 5.35 -0.61
C GLU A 36 20.80 5.38 -1.18
N THR A 37 20.46 6.49 -1.84
CA THR A 37 19.15 6.61 -2.48
C THR A 37 18.99 5.56 -3.57
N ALA A 38 17.90 4.80 -3.50
CA ALA A 38 17.59 3.76 -4.46
C ALA A 38 16.31 4.02 -5.23
N ALA A 39 15.49 4.98 -4.79
CA ALA A 39 14.29 5.41 -5.48
C ALA A 39 13.83 6.72 -4.88
N THR A 40 13.38 7.64 -5.71
CA THR A 40 12.69 8.85 -5.26
C THR A 40 11.41 9.00 -6.06
N PHE A 41 10.33 9.34 -5.38
CA PHE A 41 9.05 9.65 -6.01
C PHE A 41 8.69 11.09 -5.68
N SER A 42 8.05 11.77 -6.64
CA SER A 42 7.61 13.14 -6.42
C SER A 42 6.27 13.35 -7.12
N GLY A 43 5.34 14.00 -6.42
CA GLY A 43 4.03 14.25 -7.00
C GLY A 43 3.14 14.96 -6.00
N GLN A 44 1.97 15.35 -6.49
CA GLN A 44 1.01 16.10 -5.69
C GLN A 44 -0.39 15.58 -5.98
N SER A 45 -1.16 15.36 -4.93
CA SER A 45 -2.53 14.87 -5.07
C SER A 45 -3.23 15.06 -3.73
N THR A 46 -4.52 15.40 -3.77
CA THR A 46 -5.38 15.38 -2.60
C THR A 46 -6.38 14.25 -2.67
N ASN A 47 -6.21 13.29 -3.58
CA ASN A 47 -7.12 12.18 -3.76
C ASN A 47 -6.37 10.86 -3.82
N ASN A 48 -5.28 10.76 -3.06
CA ASN A 48 -4.61 9.50 -2.79
C ASN A 48 -3.97 8.90 -4.04
N ALA A 49 -3.54 9.74 -4.99
CA ALA A 49 -2.94 9.21 -6.20
C ALA A 49 -1.60 8.55 -5.89
N VAL A 50 -1.30 7.48 -6.63
CA VAL A 50 0.02 6.86 -6.57
C VAL A 50 1.01 7.80 -7.24
N ILE A 51 1.95 8.34 -6.48
CA ILE A 51 2.99 9.19 -7.05
C ILE A 51 4.23 8.40 -7.43
N GLY A 52 4.29 7.12 -7.06
CA GLY A 52 5.42 6.29 -7.41
C GLY A 52 5.29 4.88 -6.89
N THR A 53 5.81 3.92 -7.65
CA THR A 53 5.91 2.55 -7.16
C THR A 53 7.11 1.90 -7.84
N GLN A 54 7.83 1.05 -7.11
CA GLN A 54 9.09 0.51 -7.61
C GLN A 54 9.43 -0.77 -6.86
N VAL A 55 10.13 -1.67 -7.57
CA VAL A 55 10.71 -2.87 -6.98
C VAL A 55 12.19 -2.59 -6.70
N LEU A 56 12.59 -2.76 -5.43
CA LEU A 56 13.96 -2.56 -5.03
C LEU A 56 14.51 -3.84 -4.42
N ASN A 57 15.82 -3.84 -4.13
CA ASN A 57 16.46 -4.95 -3.46
C ASN A 57 17.06 -4.46 -2.16
N SER A 58 16.81 -5.18 -1.07
CA SER A 58 17.29 -4.76 0.24
C SER A 58 18.80 -4.83 0.35
N GLY A 59 19.48 -5.50 -0.58
CA GLY A 59 20.92 -5.58 -0.53
C GLY A 59 21.45 -6.35 0.67
N SER A 60 22.76 -6.23 0.88
CA SER A 60 23.43 -7.03 1.90
C SER A 60 23.07 -6.57 3.31
N SER A 61 22.84 -5.28 3.52
CA SER A 61 22.56 -4.79 4.86
C SER A 61 21.10 -5.01 5.25
N GLY A 62 20.18 -4.96 4.28
CA GLY A 62 18.77 -5.00 4.57
C GLY A 62 18.18 -3.70 5.07
N LYS A 63 19.00 -2.68 5.31
CA LYS A 63 18.51 -1.42 5.85
C LYS A 63 17.76 -0.63 4.79
N VAL A 64 16.50 -0.31 5.07
CA VAL A 64 15.66 0.52 4.22
C VAL A 64 15.16 1.69 5.02
N GLN A 65 15.32 2.91 4.49
CA GLN A 65 14.85 4.11 5.16
C GLN A 65 14.00 4.94 4.22
N VAL A 66 12.84 5.38 4.71
CA VAL A 66 11.96 6.28 3.97
C VAL A 66 12.06 7.69 4.54
N GLN A 67 12.24 8.68 3.67
CA GLN A 67 12.16 10.08 4.05
C GLN A 67 11.14 10.78 3.17
N VAL A 68 10.48 11.78 3.73
CA VAL A 68 9.49 12.58 3.02
C VAL A 68 9.82 14.05 3.25
N SER A 69 9.85 14.84 2.19
CA SER A 69 9.97 16.28 2.31
C SER A 69 8.98 16.94 1.36
N VAL A 70 8.64 18.17 1.67
CA VAL A 70 7.71 18.97 0.90
C VAL A 70 8.38 20.32 0.71
N ASN A 71 8.72 20.63 -0.53
CA ASN A 71 9.41 21.88 -0.86
C ASN A 71 10.66 22.07 0.00
N GLY A 72 11.40 20.98 0.19
CA GLY A 72 12.66 21.01 0.89
C GLY A 72 12.59 20.75 2.38
N ARG A 73 11.40 20.85 3.00
CA ARG A 73 11.30 20.75 4.46
C ARG A 73 10.92 19.34 4.87
N PRO A 74 11.65 18.72 5.80
CA PRO A 74 11.32 17.35 6.18
C PRO A 74 9.95 17.26 6.85
N SER A 75 9.23 16.19 6.55
CA SER A 75 7.94 15.91 7.16
C SER A 75 8.14 15.06 8.41
N ASP A 76 7.22 15.19 9.36
CA ASP A 76 7.25 14.34 10.55
C ASP A 76 6.66 12.97 10.19
N LEU A 77 7.37 11.90 10.56
CA LEU A 77 7.01 10.55 10.13
C LEU A 77 6.48 9.71 11.29
N VAL A 78 5.54 8.83 10.96
CA VAL A 78 5.12 7.73 11.81
C VAL A 78 5.25 6.45 10.99
N SER A 79 5.53 5.34 11.68
CA SER A 79 5.81 4.10 10.97
C SER A 79 5.59 2.91 11.90
N ALA A 80 5.33 1.76 11.28
CA ALA A 80 5.35 0.47 11.95
C ALA A 80 5.52 -0.62 10.90
N GLN A 81 5.87 -1.82 11.36
CA GLN A 81 5.94 -3.00 10.51
C GLN A 81 4.95 -4.03 11.05
N VAL A 82 4.16 -4.60 10.16
CA VAL A 82 3.22 -5.67 10.52
C VAL A 82 3.54 -6.90 9.69
N ILE A 83 3.41 -8.07 10.30
CA ILE A 83 3.70 -9.36 9.67
C ILE A 83 2.49 -10.26 9.83
N LEU A 84 1.97 -10.76 8.71
CA LEU A 84 0.80 -11.62 8.71
C LEU A 84 1.19 -13.05 8.36
N THR A 85 0.48 -14.00 8.99
CA THR A 85 0.77 -15.43 8.97
C THR A 85 2.27 -15.70 8.91
N ASN A 86 3.03 -14.96 9.73
CA ASN A 86 4.47 -15.15 9.93
C ASN A 86 5.25 -15.02 8.64
N GLU A 87 4.71 -14.36 7.62
CA GLU A 87 5.28 -14.52 6.27
C GLU A 87 5.15 -13.25 5.44
N LEU A 88 3.98 -12.63 5.46
CA LEU A 88 3.71 -11.44 4.65
C LEU A 88 4.02 -10.19 5.45
N ASN A 89 4.91 -9.34 4.93
CA ASN A 89 5.43 -8.18 5.63
C ASN A 89 4.94 -6.87 5.02
N PHE A 90 4.53 -5.94 5.88
CA PHE A 90 4.24 -4.57 5.51
C PHE A 90 5.05 -3.63 6.39
N ALA A 91 5.78 -2.70 5.76
CA ALA A 91 6.37 -1.58 6.47
C ALA A 91 5.64 -0.31 6.06
N LEU A 92 5.02 0.36 7.03
CA LEU A 92 4.06 1.43 6.78
C LEU A 92 4.64 2.75 7.23
N VAL A 93 4.43 3.80 6.43
CA VAL A 93 4.90 5.14 6.79
C VAL A 93 3.81 6.16 6.54
N GLY A 94 3.56 7.01 7.53
CA GLY A 94 2.75 8.20 7.33
C GLY A 94 3.59 9.44 7.54
N SER A 95 3.10 10.59 7.07
CA SER A 95 3.88 11.80 7.21
C SER A 95 2.96 13.00 7.27
N GLU A 96 3.40 14.01 8.01
CA GLU A 96 2.65 15.24 8.19
C GLU A 96 3.54 16.38 7.71
N ASP A 97 3.03 17.16 6.75
CA ASP A 97 3.79 18.30 6.23
C ASP A 97 3.33 19.64 6.81
N GLY A 98 2.34 19.63 7.69
CA GLY A 98 1.77 20.87 8.18
C GLY A 98 1.27 20.80 9.61
N THR A 99 0.06 21.31 9.85
CA THR A 99 -0.49 21.43 11.20
C THR A 99 -1.75 20.61 11.45
N ASP A 100 -2.48 20.21 10.42
CA ASP A 100 -3.77 19.59 10.65
C ASP A 100 -3.55 18.21 11.21
N ASN A 101 -2.34 17.68 11.23
CA ASN A 101 -2.07 16.35 11.81
C ASN A 101 -2.84 15.13 11.35
N ASP A 102 -3.14 15.04 10.08
CA ASP A 102 -3.78 13.86 9.52
C ASP A 102 -2.78 12.80 9.10
N TYR A 103 -1.50 13.15 9.00
CA TYR A 103 -0.38 12.22 8.78
C TYR A 103 -0.56 11.37 7.51
N ASN A 104 -1.39 11.82 6.56
CA ASN A 104 -1.58 11.11 5.30
C ASN A 104 -0.95 11.84 4.12
N ASP A 105 -0.15 12.89 4.38
CA ASP A 105 0.26 13.80 3.31
C ASP A 105 1.05 13.06 2.24
N ALA A 106 2.08 12.33 2.65
CA ALA A 106 2.62 11.21 1.89
C ALA A 106 2.40 9.95 2.71
N VAL A 107 1.82 8.92 2.08
CA VAL A 107 1.67 7.59 2.66
C VAL A 107 2.50 6.63 1.83
N VAL A 108 3.39 5.90 2.50
CA VAL A 108 4.33 4.99 1.86
C VAL A 108 4.12 3.59 2.42
N VAL A 109 4.01 2.61 1.51
CA VAL A 109 3.78 1.20 1.86
C VAL A 109 4.90 0.37 1.24
N ILE A 110 5.62 -0.36 2.08
CA ILE A 110 6.65 -1.31 1.65
C ILE A 110 6.13 -2.70 1.92
N ASN A 111 6.25 -3.60 0.93
CA ASN A 111 5.73 -4.95 1.10
C ASN A 111 6.69 -5.97 0.53
N TRP A 112 6.78 -7.11 1.19
CA TRP A 112 7.61 -8.23 0.75
C TRP A 112 7.13 -9.48 1.46
N PRO A 113 7.44 -10.68 0.92
CA PRO A 113 8.22 -10.94 -0.29
C PRO A 113 7.42 -10.65 -1.55
N LEU A 114 8.11 -10.52 -2.68
CA LEU A 114 7.49 -10.35 -3.98
C LEU A 114 7.52 -11.67 -4.73
N GLY A 115 6.86 -11.68 -5.88
CA GLY A 115 6.96 -12.81 -6.80
C GLY A 115 5.94 -13.90 -6.61
N DLE B 1 -0.47 22.96 2.69
CA DLE B 1 -0.12 23.94 1.68
CB DLE B 1 1.38 23.87 1.37
CG DLE B 1 1.83 23.99 -0.08
CD1 DLE B 1 0.73 24.48 -1.00
CD2 DLE B 1 3.04 24.90 -0.17
C DLE B 1 -0.50 25.36 2.13
O DLE B 1 -1.08 26.11 1.36
N DTY B 2 -0.16 25.68 3.38
CA DTY B 2 -0.34 27.04 3.88
C DTY B 2 -1.79 27.52 3.78
O DTY B 2 -2.07 28.53 3.14
CB DTY B 2 0.16 27.16 5.32
CG DTY B 2 -0.06 28.54 5.90
CD1 DTY B 2 -1.08 28.77 6.83
CD2 DTY B 2 0.72 29.62 5.51
CE1 DTY B 2 -1.29 30.04 7.36
CE2 DTY B 2 0.52 30.88 6.03
CZ DTY B 2 -0.48 31.09 6.95
OH DTY B 2 -0.68 32.34 7.46
N DLY B 3 -2.71 26.80 4.41
CA DLY B 3 -4.12 27.15 4.37
C DLY B 3 -4.63 27.17 2.94
O DLY B 3 -5.48 27.99 2.57
CB DLY B 3 -4.95 26.19 5.23
CG DLY B 3 -4.76 26.39 6.72
CD DLY B 3 -5.88 25.73 7.52
CE DLY B 3 -5.76 26.05 9.01
NZ DLY B 3 -6.90 25.47 9.80
N DHI B 4 -4.10 26.27 2.11
CA DHI B 4 -4.50 26.22 0.71
C DHI B 4 -4.04 27.49 -0.02
O DHI B 4 -4.82 28.10 -0.76
CB DHI B 4 -3.89 24.99 0.02
CG DHI B 4 -4.36 24.80 -1.38
ND1 DHI B 4 -3.64 25.25 -2.47
CD2 DHI B 4 -5.47 24.20 -1.88
CE1 DHI B 4 -4.29 24.93 -3.58
NE2 DHI B 4 -5.40 24.30 -3.26
N DPN B 5 -2.79 27.86 0.18
CA DPN B 5 -2.22 29.04 -0.45
C DPN B 5 -2.89 30.30 0.10
O DPN B 5 -3.08 31.28 -0.62
CB DPN B 5 -0.71 29.11 -0.23
N DLE B 6 -3.25 30.26 1.38
CA DLE B 6 -3.89 31.39 2.03
CB DLE B 6 -4.13 31.08 3.52
CG DLE B 6 -4.27 32.27 4.48
CD1 DLE B 6 -4.38 31.76 5.91
CD2 DLE B 6 -3.12 33.24 4.33
C DLE B 6 -5.21 31.72 1.34
O DLE B 6 -5.47 32.86 0.96
N DLY B 7 -6.05 30.68 1.16
CA DLY B 7 -7.32 30.83 0.46
C DLY B 7 -7.10 31.43 -0.93
O DLY B 7 -7.85 32.31 -1.34
CB DLY B 7 -8.02 29.48 0.34
CG DLY B 7 -9.22 29.32 1.25
CD DLY B 7 -10.19 28.28 0.69
N DLE B 8 -6.09 30.95 -1.63
CA DLE B 8 -5.78 31.41 -2.98
CB DLE B 8 -4.70 30.55 -3.63
CG DLE B 8 -5.05 29.11 -4.03
CD1 DLE B 8 -6.22 29.08 -5.01
CD2 DLE B 8 -3.81 28.43 -4.61
C DLE B 8 -5.35 32.88 -3.05
O DLE B 8 -5.77 33.62 -3.93
N DPN B 9 -4.51 33.30 -2.11
CA DPN B 9 -3.98 34.67 -2.10
C DPN B 9 -5.07 35.71 -1.84
O DPN B 9 -5.12 36.74 -2.53
CB DPN B 9 -2.85 34.82 -1.09
N DTR B 10 -5.94 35.46 -0.86
CA DTR B 10 -7.05 36.37 -0.60
CB DTR B 10 -7.81 36.00 0.68
CG DTR B 10 -7.00 36.01 1.96
CD1 DTR B 10 -7.05 35.07 2.95
NE1 DTR B 10 -6.19 35.42 3.96
CE2 DTR B 10 -5.56 36.60 3.65
CZ2 DTR B 10 -4.62 37.33 4.36
CH2 DTR B 10 -4.17 38.49 3.80
CZ3 DTR B 10 -4.64 38.93 2.54
CE3 DTR B 10 -5.58 38.19 1.83
CD2 DTR B 10 -6.05 37.01 2.39
C DTR B 10 -8.03 36.39 -1.79
O DTR B 10 -8.72 37.38 -2.02
N DLE B 11 -8.05 35.28 -2.53
CA DLE B 11 -8.96 35.12 -3.65
CB DLE B 11 -9.06 33.63 -4.04
CG DLE B 11 -10.25 33.12 -4.85
CD1 DLE B 11 -11.56 33.51 -4.19
CD2 DLE B 11 -10.21 33.55 -6.33
C DLE B 11 -8.53 35.94 -4.86
O DLE B 11 -9.32 36.67 -5.44
N DAL B 12 -7.27 35.78 -5.26
CA DAL B 12 -6.77 36.35 -6.50
CB DAL B 12 -5.55 35.59 -7.00
C DAL B 12 -6.48 37.86 -6.42
O DAL B 12 -6.06 38.47 -7.41
N DLE B 13 -6.70 38.42 -5.24
CA DLE B 13 -6.74 39.88 -5.04
CB DLE B 13 -5.37 40.54 -5.27
CG DLE B 13 -4.12 39.95 -4.62
CD1 DLE B 13 -3.20 39.37 -5.68
CD2 DLE B 13 -3.40 41.00 -3.79
C DLE B 13 -7.28 40.21 -3.65
O DLE B 13 -8.13 41.09 -3.49
N NH2 B 14 -6.79 39.50 -2.64
N ALA C 2 -11.08 -17.84 11.35
CA ALA C 2 -11.67 -16.52 11.57
C ALA C 2 -11.90 -15.78 10.27
N THR C 3 -12.92 -14.94 10.24
CA THR C 3 -13.16 -14.12 9.06
C THR C 3 -11.98 -13.18 8.82
N GLN C 4 -11.63 -13.00 7.55
CA GLN C 4 -10.54 -12.12 7.15
C GLN C 4 -11.01 -11.25 6.01
N GLY C 5 -10.38 -10.08 5.88
CA GLY C 5 -10.70 -9.18 4.80
C GLY C 5 -11.95 -8.33 4.98
N VAL C 6 -12.49 -8.26 6.19
CA VAL C 6 -13.65 -7.42 6.50
C VAL C 6 -13.22 -6.35 7.49
N PHE C 7 -13.54 -5.10 7.18
CA PHE C 7 -13.16 -3.99 8.04
C PHE C 7 -14.33 -3.04 8.22
N THR C 8 -14.46 -2.53 9.42
CA THR C 8 -15.43 -1.49 9.72
C THR C 8 -14.70 -0.15 9.70
N LEU C 9 -15.04 0.66 8.75
CA LEU C 9 -14.50 1.99 8.62
C LEU C 9 -15.46 2.97 9.25
N PRO C 10 -15.01 4.18 9.58
CA PRO C 10 -15.97 5.22 9.95
C PRO C 10 -16.94 5.45 8.81
N ALA C 11 -18.19 5.71 9.16
CA ALA C 11 -19.23 5.87 8.14
C ALA C 11 -18.91 7.05 7.23
N ASN C 12 -19.34 6.93 5.97
CA ASN C 12 -19.36 8.05 5.03
C ASN C 12 -17.98 8.67 4.85
N THR C 13 -16.96 7.82 4.78
CA THR C 13 -15.57 8.24 4.80
C THR C 13 -14.89 7.78 3.51
N ARG C 14 -14.28 8.72 2.80
CA ARG C 14 -13.49 8.34 1.64
C ARG C 14 -12.28 7.55 2.09
N PHE C 15 -12.00 6.47 1.36
CA PHE C 15 -10.81 5.67 1.58
C PHE C 15 -10.23 5.28 0.23
N GLY C 16 -8.94 4.95 0.22
CA GLY C 16 -8.29 4.43 -0.96
C GLY C 16 -8.14 2.93 -0.82
N VAL C 17 -8.27 2.23 -1.94
CA VAL C 17 -7.98 0.81 -2.03
C VAL C 17 -7.09 0.58 -3.23
N THR C 18 -6.04 -0.23 -3.05
CA THR C 18 -4.98 -0.45 -4.03
C THR C 18 -4.57 -1.91 -3.96
N ALA C 19 -4.37 -2.55 -5.11
CA ALA C 19 -4.02 -3.96 -5.17
C ALA C 19 -2.76 -4.20 -6.00
N PHE C 20 -1.89 -5.07 -5.49
CA PHE C 20 -0.67 -5.50 -6.17
C PHE C 20 -0.75 -6.98 -6.47
N ALA C 21 -0.09 -7.42 -7.54
CA ALA C 21 -0.12 -8.82 -7.95
C ALA C 21 1.27 -9.44 -7.88
N ASN C 22 1.35 -10.66 -7.32
CA ASN C 22 2.61 -11.42 -7.27
C ASN C 22 2.27 -12.89 -7.50
N SER C 23 2.00 -13.25 -8.76
CA SER C 23 1.55 -14.59 -9.08
C SER C 23 1.52 -14.78 -10.59
N SER C 24 1.69 -16.04 -11.01
CA SER C 24 1.44 -16.41 -12.40
C SER C 24 -0.02 -16.30 -12.76
N GLY C 25 -0.92 -16.37 -11.79
CA GLY C 25 -2.34 -16.30 -12.07
C GLY C 25 -2.84 -14.87 -12.18
N THR C 26 -3.91 -14.70 -12.97
CA THR C 26 -4.62 -13.44 -13.02
C THR C 26 -5.43 -13.27 -11.74
N GLN C 27 -5.13 -12.21 -10.99
CA GLN C 27 -5.83 -11.88 -9.76
C GLN C 27 -7.07 -11.06 -10.08
N THR C 28 -8.19 -11.41 -9.45
CA THR C 28 -9.42 -10.62 -9.47
C THR C 28 -9.72 -10.21 -8.02
N VAL C 29 -9.63 -8.91 -7.74
CA VAL C 29 -9.92 -8.38 -6.41
C VAL C 29 -11.30 -7.75 -6.45
N ASN C 30 -12.16 -8.13 -5.53
CA ASN C 30 -13.50 -7.55 -5.42
C ASN C 30 -13.58 -6.76 -4.12
N VAL C 31 -13.97 -5.49 -4.22
CA VAL C 31 -14.13 -4.64 -3.05
C VAL C 31 -15.60 -4.34 -2.88
N LEU C 32 -16.18 -4.82 -1.78
CA LEU C 32 -17.59 -4.63 -1.49
C LEU C 32 -17.77 -3.60 -0.38
N VAL C 33 -18.72 -2.71 -0.57
CA VAL C 33 -19.09 -1.71 0.42
C VAL C 33 -20.56 -1.94 0.74
N ASN C 34 -20.87 -2.16 2.02
CA ASN C 34 -22.23 -2.47 2.43
C ASN C 34 -22.76 -3.68 1.66
N ASN C 35 -21.90 -4.69 1.50
CA ASN C 35 -22.20 -5.98 0.89
C ASN C 35 -22.47 -5.89 -0.61
N GLU C 36 -22.14 -4.76 -1.25
CA GLU C 36 -22.36 -4.61 -2.69
C GLU C 36 -21.05 -4.20 -3.36
N THR C 37 -20.78 -4.80 -4.51
CA THR C 37 -19.53 -4.55 -5.22
C THR C 37 -19.38 -3.07 -5.55
N ALA C 38 -18.28 -2.48 -5.11
CA ALA C 38 -17.97 -1.08 -5.36
C ALA C 38 -16.76 -0.88 -6.26
N ALA C 39 -15.82 -1.84 -6.29
CA ALA C 39 -14.72 -1.79 -7.25
C ALA C 39 -14.24 -3.21 -7.53
N THR C 40 -13.64 -3.38 -8.70
CA THR C 40 -13.06 -4.65 -9.13
C THR C 40 -11.75 -4.38 -9.85
N PHE C 41 -10.69 -5.05 -9.40
CA PHE C 41 -9.39 -4.98 -10.05
C PHE C 41 -9.02 -6.33 -10.62
N SER C 42 -8.34 -6.31 -11.77
CA SER C 42 -7.95 -7.55 -12.42
C SER C 42 -6.65 -7.32 -13.16
N GLY C 43 -5.69 -8.22 -12.97
CA GLY C 43 -4.43 -8.13 -13.67
C GLY C 43 -3.52 -9.26 -13.24
N GLN C 44 -2.35 -9.29 -13.87
CA GLN C 44 -1.36 -10.32 -13.57
C GLN C 44 0.01 -9.68 -13.53
N SER C 45 0.81 -10.05 -12.53
CA SER C 45 2.19 -9.64 -12.46
C SER C 45 2.88 -10.52 -11.42
N THR C 46 4.17 -10.81 -11.65
CA THR C 46 5.02 -11.42 -10.64
C THR C 46 6.04 -10.43 -10.10
N ASN C 47 5.86 -9.14 -10.38
CA ASN C 47 6.77 -8.11 -9.94
C ASN C 47 6.02 -6.96 -9.28
N ASN C 48 4.95 -7.28 -8.54
CA ASN C 48 4.29 -6.35 -7.61
C ASN C 48 3.56 -5.21 -8.31
N ALA C 49 3.14 -5.41 -9.56
CA ALA C 49 2.55 -4.31 -10.30
C ALA C 49 1.20 -3.94 -9.70
N VAL C 50 0.90 -2.65 -9.69
CA VAL C 50 -0.38 -2.16 -9.22
C VAL C 50 -1.43 -2.56 -10.26
N ILE C 51 -2.33 -3.48 -9.90
CA ILE C 51 -3.38 -3.87 -10.83
C ILE C 51 -4.63 -3.01 -10.69
N GLY C 52 -4.65 -2.08 -9.75
CA GLY C 52 -5.81 -1.22 -9.60
C GLY C 52 -5.68 -0.33 -8.38
N THR C 53 -6.20 0.88 -8.49
CA THR C 53 -6.24 1.77 -7.34
C THR C 53 -7.45 2.68 -7.55
N GLN C 54 -8.22 2.88 -6.49
CA GLN C 54 -9.44 3.65 -6.58
C GLN C 54 -9.71 4.31 -5.23
N VAL C 55 -10.50 5.36 -5.26
CA VAL C 55 -11.05 6.02 -4.08
C VAL C 55 -12.53 5.64 -4.01
N LEU C 56 -12.95 5.14 -2.85
CA LEU C 56 -14.34 4.81 -2.61
C LEU C 56 -14.82 5.51 -1.35
N ASN C 57 -16.12 5.51 -1.14
CA ASN C 57 -16.73 6.03 0.07
C ASN C 57 -17.30 4.88 0.88
N SER C 58 -17.00 4.85 2.19
CA SER C 58 -17.47 3.77 3.04
C SER C 58 -18.99 3.78 3.24
N GLY C 59 -19.66 4.91 3.01
CA GLY C 59 -21.11 4.91 3.09
C GLY C 59 -21.67 4.76 4.52
N SER C 60 -22.96 4.41 4.58
CA SER C 60 -23.72 4.47 5.83
C SER C 60 -23.29 3.39 6.82
N SER C 61 -23.03 2.17 6.33
CA SER C 61 -22.65 1.07 7.21
C SER C 61 -21.17 1.09 7.58
N GLY C 62 -20.32 1.64 6.72
CA GLY C 62 -18.88 1.58 6.94
C GLY C 62 -18.25 0.23 6.72
N LYS C 63 -19.02 -0.79 6.32
CA LYS C 63 -18.48 -2.13 6.10
C LYS C 63 -17.78 -2.21 4.75
N VAL C 64 -16.49 -2.53 4.76
CA VAL C 64 -15.72 -2.81 3.55
C VAL C 64 -15.19 -4.23 3.63
N GLN C 65 -15.40 -4.99 2.55
CA GLN C 65 -14.92 -6.37 2.46
C GLN C 65 -14.12 -6.55 1.18
N VAL C 66 -12.96 -7.19 1.29
CA VAL C 66 -12.11 -7.52 0.15
C VAL C 66 -12.22 -9.01 -0.10
N GLN C 67 -12.42 -9.40 -1.35
CA GLN C 67 -12.39 -10.79 -1.77
C GLN C 67 -11.44 -10.93 -2.95
N VAL C 68 -10.71 -12.05 -3.00
CA VAL C 68 -9.78 -12.35 -4.07
C VAL C 68 -10.11 -13.72 -4.65
N SER C 69 -10.13 -13.81 -5.98
CA SER C 69 -10.31 -15.09 -6.65
C SER C 69 -9.32 -15.21 -7.81
N VAL C 70 -8.98 -16.45 -8.12
CA VAL C 70 -8.10 -16.78 -9.25
C VAL C 70 -8.69 -17.99 -9.94
N ASN C 71 -8.86 -17.91 -11.26
CA ASN C 71 -9.43 -19.00 -12.05
C ASN C 71 -10.77 -19.47 -11.46
N GLY C 72 -11.54 -18.51 -10.93
CA GLY C 72 -12.84 -18.82 -10.35
C GLY C 72 -12.80 -19.43 -8.97
N ARG C 73 -11.65 -19.43 -8.30
CA ARG C 73 -11.52 -20.07 -7.00
C ARG C 73 -11.15 -19.04 -5.94
N PRO C 74 -11.90 -18.97 -4.83
CA PRO C 74 -11.56 -18.00 -3.78
C PRO C 74 -10.17 -18.23 -3.23
N SER C 75 -9.38 -17.16 -3.16
CA SER C 75 -8.08 -17.25 -2.51
C SER C 75 -8.25 -17.17 -1.00
N ASP C 76 -7.33 -17.82 -0.28
CA ASP C 76 -7.35 -17.76 1.18
C ASP C 76 -6.70 -16.47 1.65
N LEU C 77 -7.37 -15.76 2.56
CA LEU C 77 -6.99 -14.39 2.94
C LEU C 77 -6.36 -14.31 4.32
N VAL C 78 -5.46 -13.35 4.49
CA VAL C 78 -5.03 -12.87 5.80
C VAL C 78 -5.20 -11.36 5.81
N SER C 79 -5.45 -10.81 6.99
CA SER C 79 -5.79 -9.39 7.07
C SER C 79 -5.53 -8.87 8.47
N ALA C 80 -5.35 -7.54 8.55
CA ALA C 80 -5.32 -6.85 9.82
C ALA C 80 -5.51 -5.37 9.54
N GLN C 81 -5.92 -4.63 10.58
CA GLN C 81 -5.98 -3.19 10.54
C GLN C 81 -4.95 -2.64 11.54
N VAL C 82 -4.19 -1.65 11.12
CA VAL C 82 -3.20 -1.01 11.99
C VAL C 82 -3.44 0.50 11.95
N ILE C 83 -3.33 1.14 13.11
CA ILE C 83 -3.58 2.58 13.27
C ILE C 83 -2.33 3.22 13.87
N LEU C 84 -1.86 4.27 13.23
CA LEU C 84 -0.66 4.98 13.64
C LEU C 84 -1.06 6.36 14.14
N THR C 85 -0.37 6.81 15.19
CA THR C 85 -0.66 8.05 15.94
C THR C 85 -2.17 8.27 16.10
N ASN C 86 -2.92 7.18 16.28
CA ASN C 86 -4.34 7.22 16.58
C ASN C 86 -5.14 7.96 15.51
N GLU C 87 -4.67 7.94 14.26
CA GLU C 87 -5.28 8.77 13.23
C GLU C 87 -5.17 8.13 11.83
N LEU C 88 -3.99 7.63 11.49
CA LEU C 88 -3.71 7.10 10.16
C LEU C 88 -3.99 5.60 10.15
N ASN C 89 -4.85 5.17 9.23
CA ASN C 89 -5.41 3.82 9.21
C ASN C 89 -4.99 3.06 7.96
N PHE C 90 -4.51 1.83 8.17
CA PHE C 90 -4.24 0.86 7.11
C PHE C 90 -5.06 -0.40 7.36
N ALA C 91 -5.82 -0.83 6.36
CA ALA C 91 -6.45 -2.14 6.35
C ALA C 91 -5.73 -3.00 5.31
N LEU C 92 -5.17 -4.11 5.75
CA LEU C 92 -4.20 -4.85 4.96
C LEU C 92 -4.73 -6.23 4.66
N VAL C 93 -4.53 -6.69 3.42
CA VAL C 93 -4.99 -8.01 3.00
C VAL C 93 -3.89 -8.68 2.17
N GLY C 94 -3.57 -9.92 2.53
CA GLY C 94 -2.84 -10.82 1.68
C GLY C 94 -3.73 -11.96 1.23
N SER C 95 -3.32 -12.69 0.20
CA SER C 95 -4.11 -13.80 -0.31
C SER C 95 -3.19 -14.85 -0.93
N GLU C 96 -3.63 -16.10 -0.84
CA GLU C 96 -2.90 -17.23 -1.38
C GLU C 96 -3.78 -17.98 -2.38
N ASP C 97 -3.31 -18.08 -3.63
CA ASP C 97 -4.05 -18.76 -4.68
C ASP C 97 -3.54 -20.15 -4.95
N GLY C 98 -2.48 -20.59 -4.27
CA GLY C 98 -1.80 -21.83 -4.60
C GLY C 98 -1.30 -22.50 -3.37
N THR C 99 -0.11 -23.11 -3.46
CA THR C 99 0.38 -23.99 -2.42
C THR C 99 1.61 -23.49 -1.68
N ASP C 100 2.26 -22.41 -2.16
CA ASP C 100 3.54 -22.04 -1.58
C ASP C 100 3.40 -21.18 -0.33
N ASN C 101 2.22 -20.63 -0.07
CA ASN C 101 1.92 -19.88 1.15
C ASN C 101 2.78 -18.64 1.31
N ASP C 102 3.04 -17.94 0.22
CA ASP C 102 3.69 -16.64 0.40
C ASP C 102 2.67 -15.54 0.66
N TYR C 103 1.39 -15.80 0.36
CA TYR C 103 0.26 -14.92 0.68
C TYR C 103 0.40 -13.53 0.07
N ASN C 104 1.17 -13.39 -1.00
CA ASN C 104 1.34 -12.11 -1.66
C ASN C 104 0.67 -12.08 -3.03
N ASP C 105 -0.11 -13.11 -3.37
CA ASP C 105 -0.54 -13.27 -4.76
C ASP C 105 -1.37 -12.08 -5.23
N ALA C 106 -2.33 -11.67 -4.41
CA ALA C 106 -2.89 -10.33 -4.46
C ALA C 106 -2.68 -9.69 -3.10
N VAL C 107 -2.08 -8.51 -3.08
CA VAL C 107 -1.88 -7.72 -1.87
C VAL C 107 -2.75 -6.49 -1.98
N VAL C 108 -3.62 -6.26 -0.99
CA VAL C 108 -4.58 -5.16 -1.03
C VAL C 108 -4.33 -4.25 0.16
N VAL C 109 -4.21 -2.95 -0.11
CA VAL C 109 -3.97 -1.94 0.90
C VAL C 109 -5.12 -0.96 0.86
N ILE C 110 -5.80 -0.79 1.99
CA ILE C 110 -6.83 0.23 2.18
C ILE C 110 -6.30 1.25 3.18
N ASN C 111 -6.44 2.53 2.86
CA ASN C 111 -5.93 3.58 3.74
C ASN C 111 -6.95 4.69 3.84
N TRP C 112 -7.02 5.29 5.02
CA TRP C 112 -7.80 6.49 5.27
C TRP C 112 -7.21 7.17 6.50
N PRO C 113 -7.52 8.47 6.72
CA PRO C 113 -8.31 9.36 5.88
C PRO C 113 -7.56 9.78 4.62
N LEU C 114 -8.27 10.38 3.66
CA LEU C 114 -7.68 10.92 2.44
C LEU C 114 -7.68 12.44 2.52
N GLY C 115 -7.10 13.07 1.50
CA GLY C 115 -7.15 14.52 1.39
C GLY C 115 -6.12 15.28 2.20
N DLE D 1 0.21 -21.11 -10.05
CA DLE D 1 -0.10 -21.56 -11.39
CB DLE D 1 -1.60 -21.51 -11.61
CG DLE D 1 -2.08 -20.09 -11.90
CD1 DLE D 1 -1.52 -19.68 -13.25
CD2 DLE D 1 -3.60 -20.02 -11.86
C DLE D 1 0.43 -22.98 -11.68
O DLE D 1 1.09 -23.20 -12.70
N DTY D 2 0.12 -23.90 -10.78
CA DTY D 2 0.51 -25.30 -10.95
C DTY D 2 2.04 -25.45 -10.97
O DTY D 2 2.59 -26.10 -11.86
CB DTY D 2 -0.11 -26.18 -9.86
CG DTY D 2 -1.62 -26.33 -9.98
N DLY D 3 2.71 -24.84 -9.99
CA DLY D 3 4.16 -24.83 -9.93
C DLY D 3 4.77 -24.21 -11.19
O DLY D 3 5.85 -24.62 -11.65
CB DLY D 3 4.63 -24.08 -8.68
CG DLY D 3 6.05 -23.55 -8.75
N DHI D 4 4.06 -23.24 -11.76
CA DHI D 4 4.52 -22.59 -12.97
C DHI D 4 4.38 -23.50 -14.19
O DHI D 4 5.28 -23.59 -15.01
CB DHI D 4 3.76 -21.28 -13.20
CG DHI D 4 4.21 -20.51 -14.39
ND1 DHI D 4 5.48 -19.98 -14.49
CD2 DHI D 4 3.57 -20.17 -15.54
CE1 DHI D 4 5.61 -19.35 -15.64
NE2 DHI D 4 4.47 -19.45 -16.30
N DPN D 5 3.22 -24.17 -14.29
CA DPN D 5 2.97 -25.09 -15.39
C DPN D 5 3.91 -26.29 -15.31
O DPN D 5 4.35 -26.79 -16.35
CB DPN D 5 1.50 -25.55 -15.39
N DLE D 6 4.21 -26.73 -14.09
CA DLE D 6 5.17 -27.81 -13.85
CB DLE D 6 5.23 -28.17 -12.37
CG DLE D 6 4.15 -29.10 -11.84
CD1 DLE D 6 3.95 -30.26 -12.78
CD2 DLE D 6 4.53 -29.61 -10.45
C DLE D 6 6.57 -27.45 -14.34
O DLE D 6 7.18 -28.19 -15.12
N DLY D 7 7.08 -26.32 -13.86
CA DLY D 7 8.40 -25.84 -14.28
C DLY D 7 8.43 -25.50 -15.77
O DLY D 7 9.48 -25.23 -16.34
CB DLY D 7 8.83 -24.63 -13.45
N DLE D 8 7.25 -25.52 -16.40
CA DLE D 8 7.14 -25.27 -17.83
CB DLE D 8 5.91 -24.41 -18.14
CG DLE D 8 6.03 -23.40 -19.27
CD1 DLE D 8 4.92 -22.36 -19.20
CD2 DLE D 8 7.39 -22.72 -19.25
C DLE D 8 7.09 -26.59 -18.61
O DLE D 8 7.42 -26.63 -19.80
N DPN D 9 6.69 -27.65 -17.94
CA DPN D 9 6.74 -28.99 -18.51
C DPN D 9 8.10 -29.63 -18.23
O DPN D 9 8.61 -30.42 -19.02
CB DPN D 9 5.62 -29.88 -17.97
N DTR D 10 8.70 -29.25 -17.10
CA DTR D 10 10.07 -29.63 -16.78
CB DTR D 10 10.42 -29.35 -15.31
CG DTR D 10 11.74 -29.90 -14.88
CD1 DTR D 10 12.50 -30.83 -15.54
NE1 DTR D 10 13.65 -31.09 -14.84
CE2 DTR D 10 13.66 -30.35 -13.70
CZ2 DTR D 10 14.61 -30.27 -12.68
CH2 DTR D 10 14.35 -29.41 -11.64
CZ3 DTR D 10 13.19 -28.64 -11.60
CE3 DTR D 10 12.24 -28.72 -12.61
CD2 DTR D 10 12.47 -29.58 -13.69
C DTR D 10 11.01 -28.86 -17.73
O DTR D 10 12.17 -29.23 -17.90
N DLE D 11 10.49 -27.79 -18.32
CA DLE D 11 11.20 -27.04 -19.34
CB DLE D 11 10.48 -25.72 -19.63
CG DLE D 11 10.90 -24.79 -20.78
CD1 DLE D 11 12.42 -24.66 -20.87
CD2 DLE D 11 10.28 -25.18 -22.13
C DLE D 11 11.34 -27.86 -20.61
O DLE D 11 12.40 -27.90 -21.24
N DAL D 12 10.26 -28.54 -21.00
CA DAL D 12 10.26 -29.37 -22.19
CB DAL D 12 8.84 -29.62 -22.67
C DAL D 12 11.00 -30.69 -21.98
O DAL D 12 11.18 -31.48 -22.91
N DLE D 13 11.43 -30.93 -20.74
CA DLE D 13 12.12 -32.16 -20.37
CB DLE D 13 11.61 -32.67 -19.02
CG DLE D 13 10.77 -33.95 -19.05
CD1 DLE D 13 10.16 -34.21 -17.69
CD2 DLE D 13 9.69 -33.87 -20.12
C DLE D 13 13.64 -31.97 -20.28
O DLE D 13 14.38 -32.93 -20.01
N NH2 D 14 14.09 -30.74 -20.51
CA CA E . -1.45 17.08 6.91
CA CA F . -3.34 15.58 4.19
C1 ZDC G . -4.12 20.01 2.66
C1M ZDC G . -4.92 19.89 1.35
C2 ZDC G . -4.33 18.78 3.59
C3 ZDC G . -3.34 18.88 4.74
C4 ZDC G . -1.91 19.02 4.24
C5 ZDC G . -1.90 20.36 3.51
C6 ZDC G . -1.76 21.70 4.16
C7 ZDC G . -1.63 22.80 3.12
O2 ZDC G . -4.02 17.57 2.86
O3 ZDC G . -3.40 17.68 5.53
O4 ZDC G . -1.00 19.05 5.39
O5 ZDC G . -2.70 20.20 2.34
O7A ZDC G . -2.66 23.37 2.82
CA CA H . 1.23 -17.92 -3.49
CA CA I . 3.21 -15.27 -5.00
C1 ZDC J . 3.82 -18.35 -8.68
C1M ZDC J . 4.64 -17.64 -9.74
C2 ZDC J . 4.09 -17.76 -7.26
C3 ZDC J . 3.07 -18.38 -6.30
C4 ZDC J . 1.64 -18.24 -6.76
C5 ZDC J . 1.59 -19.01 -8.08
C6 ZDC J . 1.41 -20.48 -8.17
C7 ZDC J . 1.35 -20.97 -9.63
O2 ZDC J . 3.85 -16.34 -7.27
O3 ZDC J . 3.17 -17.69 -5.05
O4 ZDC J . 0.81 -18.85 -5.75
O5 ZDC J . 2.40 -18.31 -9.04
O7A ZDC J . 2.42 -21.16 -10.14
#